data_2BNN
#
_entry.id   2BNN
#
_cell.length_a   85.602
_cell.length_b   85.602
_cell.length_c   217.989
_cell.angle_alpha   90.00
_cell.angle_beta   90.00
_cell.angle_gamma   120.00
#
_symmetry.space_group_name_H-M   'P 65 2 2'
#
loop_
_entity.id
_entity.type
_entity.pdbx_description
1 polymer EPOXIDASE
2 non-polymer FOSFOMYCIN
3 non-polymer 'ZINC ION'
4 water water
#
_entity_poly.entity_id   1
_entity_poly.type   'polypeptide(L)'
_entity_poly.pdbx_seq_one_letter_code
;MSNTKTASTGFAELLKDRREQVKMDHAALASLLGETPETVAAWENGEGGELTLTQLGRIAHVLGTSIGALTPPAGNDLDD
GVIIQMPDERPILKGVRDNVDYYVYNCLVRTKRAPSLVPLVVDVLTDNPDDAKFNSGHAGNEFLFVLEGEIHMKWGDKEN
PKEALLPTGASMFVEEHVPHAFTAAKGTGSAKLIAVNF
;
_entity_poly.pdbx_strand_id   A,B
#
# COMPACT_ATOMS: atom_id res chain seq x y z
N LYS A 5 -16.64 6.43 -0.98
CA LYS A 5 -16.91 7.75 -0.31
C LYS A 5 -15.85 8.12 0.74
N THR A 6 -15.50 7.17 1.61
CA THR A 6 -14.30 7.29 2.41
C THR A 6 -13.06 7.12 1.51
N ALA A 7 -13.24 6.38 0.40
CA ALA A 7 -12.19 6.21 -0.60
C ALA A 7 -11.87 7.53 -1.27
N SER A 8 -12.90 8.22 -1.73
CA SER A 8 -12.74 9.54 -2.33
C SER A 8 -12.20 10.56 -1.34
N THR A 9 -12.60 10.46 -0.07
CA THR A 9 -12.11 11.40 0.95
C THR A 9 -10.61 11.21 1.24
N GLY A 10 -10.21 9.96 1.48
CA GLY A 10 -8.81 9.62 1.75
C GLY A 10 -7.90 9.96 0.60
N PHE A 11 -8.36 9.68 -0.62
CA PHE A 11 -7.65 10.07 -1.84
C PHE A 11 -7.45 11.58 -1.88
N ALA A 12 -8.56 12.33 -1.73
CA ALA A 12 -8.55 13.79 -1.68
C ALA A 12 -7.48 14.34 -0.77
N GLU A 13 -7.39 13.77 0.43
CA GLU A 13 -6.41 14.21 1.45
C GLU A 13 -4.98 13.80 1.12
N LEU A 14 -4.83 12.59 0.59
CA LEU A 14 -3.50 12.09 0.29
C LEU A 14 -2.98 12.64 -1.04
N LEU A 15 -3.90 13.01 -1.94
CA LEU A 15 -3.52 13.70 -3.18
C LEU A 15 -2.91 15.06 -2.86
N LYS A 16 -3.60 15.82 -2.02
CA LYS A 16 -3.12 17.13 -1.59
C LYS A 16 -1.78 17.06 -0.87
N ASP A 17 -1.64 16.08 0.04
CA ASP A 17 -0.37 15.87 0.76
C ASP A 17 0.79 15.64 -0.21
N ARG A 18 0.60 14.70 -1.14
CA ARG A 18 1.64 14.34 -2.11
C ARG A 18 1.96 15.47 -3.09
N ARG A 19 0.94 16.13 -3.62
CA ARG A 19 1.16 17.26 -4.50
C ARG A 19 1.98 18.35 -3.81
N GLU A 20 1.66 18.65 -2.55
CA GLU A 20 2.40 19.65 -1.79
C GLU A 20 3.84 19.22 -1.55
N GLN A 21 4.06 17.93 -1.36
CA GLN A 21 5.39 17.38 -1.12
C GLN A 21 6.32 17.60 -2.33
N VAL A 22 5.84 17.32 -3.54
CA VAL A 22 6.63 17.54 -4.77
C VAL A 22 6.62 19.00 -5.24
N LYS A 23 5.96 19.87 -4.46
CA LYS A 23 6.02 21.33 -4.64
C LYS A 23 5.22 21.85 -5.84
N MET A 24 4.30 21.02 -6.34
CA MET A 24 3.39 21.40 -7.41
C MET A 24 2.17 22.08 -6.84
N ASP A 25 1.68 23.13 -7.51
CA ASP A 25 0.39 23.72 -7.19
C ASP A 25 -0.68 23.07 -8.05
N HIS A 26 -1.94 23.52 -7.92
CA HIS A 26 -3.01 22.98 -8.75
C HIS A 26 -2.72 23.02 -10.25
N ALA A 27 -2.27 24.16 -10.75
CA ALA A 27 -1.93 24.33 -12.17
C ALA A 27 -0.88 23.34 -12.70
N ALA A 28 0.24 23.19 -12.00
CA ALA A 28 1.35 22.33 -12.46
C ALA A 28 0.90 20.88 -12.63
N LEU A 29 0.22 20.34 -11.63
CA LEU A 29 -0.30 18.97 -11.71
C LEU A 29 -1.35 18.83 -12.80
N ALA A 30 -2.30 19.76 -12.81
CA ALA A 30 -3.37 19.77 -13.81
C ALA A 30 -2.81 19.72 -15.24
N SER A 31 -1.77 20.50 -15.50
CA SER A 31 -1.18 20.52 -16.84
C SER A 31 -0.46 19.20 -17.12
N LEU A 32 0.37 18.73 -16.19
CA LEU A 32 1.04 17.43 -16.35
C LEU A 32 0.04 16.30 -16.64
N LEU A 33 -1.24 16.52 -16.34
CA LEU A 33 -2.27 15.51 -16.53
C LEU A 33 -3.27 15.84 -17.64
N GLY A 34 -3.14 17.01 -18.27
CA GLY A 34 -4.10 17.44 -19.29
C GLY A 34 -5.48 17.73 -18.73
N GLU A 35 -5.49 18.36 -17.55
CA GLU A 35 -6.71 18.73 -16.84
C GLU A 35 -6.62 20.21 -16.46
N THR A 36 -7.73 20.78 -16.02
CA THR A 36 -7.77 22.14 -15.49
C THR A 36 -7.50 22.08 -13.98
N PRO A 37 -6.87 23.12 -13.42
CA PRO A 37 -6.66 23.21 -11.97
C PRO A 37 -7.93 23.07 -11.13
N GLU A 38 -9.08 23.46 -11.69
CA GLU A 38 -10.37 23.34 -11.00
C GLU A 38 -10.72 21.87 -10.74
N THR A 39 -10.52 21.03 -11.76
CA THR A 39 -10.74 19.59 -11.66
C THR A 39 -9.87 18.97 -10.57
N VAL A 40 -8.61 19.38 -10.51
CA VAL A 40 -7.69 18.88 -9.51
C VAL A 40 -8.10 19.36 -8.12
N ALA A 41 -8.55 20.61 -8.02
CA ALA A 41 -9.12 21.14 -6.79
C ALA A 41 -10.34 20.30 -6.39
N ALA A 42 -11.20 20.03 -7.36
CA ALA A 42 -12.37 19.19 -7.15
C ALA A 42 -11.99 17.81 -6.57
N TRP A 43 -11.01 17.15 -7.19
CA TRP A 43 -10.50 15.87 -6.69
C TRP A 43 -10.10 16.01 -5.24
N GLU A 44 -9.39 17.10 -4.92
CA GLU A 44 -8.91 17.37 -3.57
C GLU A 44 -10.03 17.81 -2.64
N ASN A 45 -11.24 17.92 -3.19
CA ASN A 45 -12.40 18.31 -2.42
C ASN A 45 -13.38 17.15 -2.31
N GLY A 46 -12.85 15.94 -2.41
CA GLY A 46 -13.64 14.72 -2.26
C GLY A 46 -14.37 14.29 -3.51
N GLU A 47 -13.96 14.82 -4.66
CA GLU A 47 -14.71 14.59 -5.90
C GLU A 47 -14.06 13.63 -6.86
N GLY A 48 -13.10 12.85 -6.35
CA GLY A 48 -12.33 11.92 -7.19
C GLY A 48 -12.98 10.57 -7.38
N GLY A 49 -14.16 10.40 -6.78
CA GLY A 49 -14.88 9.14 -6.77
C GLY A 49 -14.97 8.38 -8.09
N GLU A 50 -15.05 9.12 -9.20
CA GLU A 50 -15.41 8.50 -10.47
C GLU A 50 -14.19 8.24 -11.39
N LEU A 51 -13.02 8.70 -10.95
CA LEU A 51 -11.75 8.45 -11.64
C LEU A 51 -11.50 6.96 -11.79
N THR A 52 -10.96 6.57 -12.93
CA THR A 52 -10.73 5.16 -13.20
C THR A 52 -9.39 4.71 -12.64
N LEU A 53 -9.24 3.40 -12.51
CA LEU A 53 -7.98 2.77 -12.15
C LEU A 53 -6.83 3.31 -13.00
N THR A 54 -7.07 3.42 -14.31
CA THR A 54 -6.06 3.89 -15.28
C THR A 54 -5.70 5.36 -15.07
N GLN A 55 -6.71 6.19 -14.80
CA GLN A 55 -6.49 7.60 -14.48
C GLN A 55 -5.70 7.75 -13.18
N LEU A 56 -6.00 6.89 -12.21
CA LEU A 56 -5.28 6.87 -10.93
C LEU A 56 -3.82 6.52 -11.10
N GLY A 57 -3.53 5.61 -12.02
CA GLY A 57 -2.15 5.19 -12.30
C GLY A 57 -1.35 6.32 -12.92
N ARG A 58 -2.01 7.05 -13.82
CA ARG A 58 -1.44 8.25 -14.42
C ARG A 58 -1.14 9.29 -13.34
N ILE A 59 -2.10 9.52 -12.46
CA ILE A 59 -1.92 10.47 -11.37
C ILE A 59 -0.76 10.05 -10.47
N ALA A 60 -0.74 8.77 -10.08
CA ALA A 60 0.34 8.26 -9.27
C ALA A 60 1.68 8.43 -9.99
N HIS A 61 1.70 8.15 -11.30
CA HIS A 61 2.94 8.20 -12.08
C HIS A 61 3.52 9.62 -12.13
N VAL A 62 2.72 10.58 -12.59
CA VAL A 62 3.08 12.00 -12.55
C VAL A 62 3.58 12.44 -11.17
N LEU A 63 2.96 11.90 -10.11
CA LEU A 63 3.37 12.21 -8.73
C LEU A 63 4.49 11.30 -8.21
N GLY A 64 5.03 10.46 -9.10
CA GLY A 64 6.18 9.60 -8.80
C GLY A 64 6.00 8.66 -7.63
N THR A 65 4.78 8.19 -7.44
CA THR A 65 4.48 7.28 -6.33
C THR A 65 3.44 6.23 -6.74
N SER A 66 2.84 5.54 -5.77
CA SER A 66 1.89 4.46 -6.06
C SER A 66 0.45 4.86 -5.75
N ILE A 67 -0.50 4.23 -6.43
CA ILE A 67 -1.91 4.43 -6.14
C ILE A 67 -2.16 4.18 -4.65
N GLY A 68 -1.48 3.17 -4.12
CA GLY A 68 -1.55 2.79 -2.72
C GLY A 68 -1.24 3.97 -1.81
N ALA A 69 -0.19 4.71 -2.14
CA ALA A 69 0.24 5.87 -1.36
C ALA A 69 -0.78 7.01 -1.39
N LEU A 70 -1.68 6.97 -2.38
CA LEU A 70 -2.68 8.02 -2.54
C LEU A 70 -4.03 7.60 -2.01
N THR A 71 -4.11 6.36 -1.51
CA THR A 71 -5.37 5.80 -1.01
C THR A 71 -5.27 5.43 0.46
N PRO A 72 -6.40 5.55 1.19
CA PRO A 72 -6.42 5.29 2.64
C PRO A 72 -6.21 3.81 2.98
N PRO A 73 -5.81 3.51 4.23
CA PRO A 73 -5.77 2.11 4.68
C PRO A 73 -7.16 1.48 4.64
N ALA A 74 -7.21 0.16 4.75
CA ALA A 74 -8.46 -0.51 5.04
C ALA A 74 -8.94 0.05 6.37
N GLY A 75 -10.24 0.29 6.49
CA GLY A 75 -10.80 0.92 7.70
C GLY A 75 -10.71 0.11 8.99
N ASN A 76 -11.47 0.54 9.99
CA ASN A 76 -11.55 -0.14 11.28
C ASN A 76 -12.93 -0.76 11.42
N ASP A 77 -12.98 -2.09 11.44
CA ASP A 77 -14.23 -2.82 11.64
C ASP A 77 -14.33 -3.45 13.03
N LEU A 78 -13.57 -2.92 13.98
CA LEU A 78 -13.54 -3.45 15.34
C LEU A 78 -14.50 -2.72 16.28
N ASP A 79 -14.93 -3.43 17.32
CA ASP A 79 -15.74 -2.89 18.40
C ASP A 79 -14.82 -2.79 19.62
N ASP A 80 -14.27 -1.60 19.85
CA ASP A 80 -13.23 -1.36 20.87
C ASP A 80 -12.09 -2.36 20.78
N GLY A 81 -11.59 -2.61 19.57
CA GLY A 81 -10.42 -3.46 19.37
C GLY A 81 -10.69 -4.94 19.19
N VAL A 82 -11.96 -5.33 19.24
CA VAL A 82 -12.33 -6.73 19.11
C VAL A 82 -13.37 -6.94 18.01
N ILE A 83 -13.20 -8.03 17.26
CA ILE A 83 -14.24 -8.55 16.39
C ILE A 83 -14.43 -10.05 16.69
N ILE A 84 -15.68 -10.47 16.82
CA ILE A 84 -15.97 -11.87 17.08
C ILE A 84 -16.75 -12.50 15.94
N GLN A 85 -16.76 -13.82 15.89
CA GLN A 85 -17.46 -14.59 14.89
C GLN A 85 -18.03 -15.82 15.57
N MET A 86 -19.32 -16.05 15.36
CA MET A 86 -20.01 -17.19 15.96
C MET A 86 -19.98 -18.27 14.90
N PRO A 87 -19.99 -19.55 15.32
CA PRO A 87 -19.78 -20.68 14.39
C PRO A 87 -20.78 -20.72 13.23
N ASP A 88 -22.02 -20.29 13.49
CA ASP A 88 -23.06 -20.19 12.46
C ASP A 88 -22.69 -19.29 11.26
N GLU A 89 -21.93 -18.22 11.50
CA GLU A 89 -21.73 -17.19 10.49
C GLU A 89 -20.55 -17.42 9.54
N ARG A 90 -19.88 -18.57 9.63
CA ARG A 90 -18.69 -18.82 8.80
C ARG A 90 -19.03 -18.97 7.31
N PRO A 91 -18.42 -18.17 6.46
CA PRO A 91 -18.35 -18.51 5.04
C PRO A 91 -17.78 -19.92 4.85
N ILE A 92 -18.45 -20.74 4.05
CA ILE A 92 -17.95 -22.08 3.70
C ILE A 92 -17.64 -22.12 2.21
N LEU A 93 -16.43 -22.55 1.86
CA LEU A 93 -16.03 -22.62 0.47
C LEU A 93 -15.30 -23.92 0.18
N LYS A 94 -15.48 -24.44 -1.03
CA LYS A 94 -14.92 -25.73 -1.45
C LYS A 94 -13.49 -25.58 -1.93
N GLY A 95 -12.70 -26.64 -1.76
CA GLY A 95 -11.33 -26.68 -2.25
C GLY A 95 -11.14 -27.83 -3.21
N VAL A 96 -11.21 -27.54 -4.50
CA VAL A 96 -11.09 -28.54 -5.56
C VAL A 96 -9.76 -28.33 -6.31
N ARG A 97 -8.96 -29.39 -6.43
CA ARG A 97 -7.59 -29.28 -6.98
C ARG A 97 -7.41 -29.93 -8.36
N ASP A 98 -7.87 -31.17 -8.51
CA ASP A 98 -8.12 -31.72 -9.85
C ASP A 98 -9.61 -31.55 -10.11
N ASN A 99 -10.32 -32.68 -10.20
CA ASN A 99 -11.77 -32.68 -10.15
C ASN A 99 -12.18 -33.13 -8.75
N VAL A 100 -11.19 -33.24 -7.87
CA VAL A 100 -11.36 -33.87 -6.57
C VAL A 100 -11.66 -32.86 -5.48
N ASP A 101 -12.75 -33.12 -4.74
CA ASP A 101 -13.13 -32.31 -3.58
C ASP A 101 -12.14 -32.58 -2.43
N TYR A 102 -11.09 -31.77 -2.37
CA TYR A 102 -9.93 -32.00 -1.49
C TYR A 102 -10.11 -31.42 -0.07
N TYR A 103 -10.40 -30.12 0.00
CA TYR A 103 -10.60 -29.42 1.28
C TYR A 103 -12.00 -28.79 1.35
N VAL A 104 -12.51 -28.59 2.55
CA VAL A 104 -13.62 -27.65 2.78
C VAL A 104 -13.16 -26.57 3.75
N TYR A 105 -13.09 -25.34 3.26
CA TYR A 105 -12.67 -24.18 4.04
C TYR A 105 -13.83 -23.56 4.83
N ASN A 106 -13.75 -23.60 6.16
CA ASN A 106 -14.67 -22.83 6.99
C ASN A 106 -13.97 -21.57 7.49
N CYS A 107 -14.40 -20.43 6.99
CA CYS A 107 -13.69 -19.19 7.17
C CYS A 107 -13.97 -18.55 8.52
N LEU A 108 -12.90 -18.35 9.28
CA LEU A 108 -13.01 -17.77 10.61
C LEU A 108 -12.93 -16.22 10.56
N VAL A 109 -12.91 -15.58 11.72
CA VAL A 109 -12.94 -14.12 11.79
C VAL A 109 -11.77 -13.48 11.06
N ARG A 110 -12.07 -12.38 10.37
CA ARG A 110 -11.07 -11.55 9.71
C ARG A 110 -11.37 -10.08 9.99
N THR A 111 -10.40 -9.21 9.73
CA THR A 111 -10.53 -7.81 10.07
C THR A 111 -9.66 -6.95 9.17
N LYS A 112 -10.21 -5.82 8.74
CA LYS A 112 -9.48 -4.85 7.91
C LYS A 112 -8.28 -4.24 8.63
N ARG A 113 -8.21 -4.46 9.94
CA ARG A 113 -7.10 -3.95 10.76
C ARG A 113 -5.86 -4.84 10.74
N ALA A 114 -6.02 -6.05 10.21
CA ALA A 114 -4.92 -6.95 9.98
C ALA A 114 -5.30 -7.80 8.77
N PRO A 115 -5.31 -7.17 7.58
CA PRO A 115 -5.73 -7.84 6.35
C PRO A 115 -5.09 -9.19 6.09
N SER A 116 -3.84 -9.39 6.50
CA SER A 116 -3.14 -10.66 6.20
C SER A 116 -3.60 -11.83 7.07
N LEU A 117 -4.27 -11.54 8.19
CA LEU A 117 -4.88 -12.58 9.02
C LEU A 117 -6.02 -13.30 8.27
N VAL A 118 -5.82 -14.59 8.04
CA VAL A 118 -6.82 -15.44 7.40
C VAL A 118 -6.87 -16.81 8.10
N PRO A 119 -7.69 -16.91 9.15
CA PRO A 119 -7.84 -18.15 9.90
C PRO A 119 -8.94 -19.05 9.31
N LEU A 120 -8.78 -20.36 9.47
CA LEU A 120 -9.71 -21.32 8.88
C LEU A 120 -9.75 -22.62 9.69
N VAL A 121 -10.94 -23.20 9.77
CA VAL A 121 -11.07 -24.63 10.05
C VAL A 121 -11.08 -25.27 8.66
N VAL A 122 -10.11 -26.14 8.40
CA VAL A 122 -9.99 -26.83 7.12
C VAL A 122 -10.41 -28.30 7.29
N ASP A 123 -11.51 -28.70 6.65
CA ASP A 123 -11.93 -30.11 6.70
C ASP A 123 -11.11 -30.87 5.67
N VAL A 124 -10.30 -31.81 6.14
CA VAL A 124 -9.41 -32.55 5.23
C VAL A 124 -10.06 -33.89 4.84
N LEU A 125 -10.56 -33.93 3.62
CA LEU A 125 -11.50 -34.95 3.14
C LEU A 125 -10.84 -36.23 2.63
N THR A 126 -9.75 -36.07 1.89
CA THR A 126 -8.96 -37.18 1.36
C THR A 126 -8.08 -37.84 2.45
N ASP A 127 -7.85 -39.15 2.34
CA ASP A 127 -7.00 -39.85 3.30
C ASP A 127 -6.03 -40.82 2.62
N ASN A 128 -5.66 -40.49 1.38
CA ASN A 128 -4.63 -41.24 0.69
C ASN A 128 -3.46 -40.33 0.38
N PRO A 129 -2.42 -40.41 1.20
CA PRO A 129 -1.27 -39.51 1.09
C PRO A 129 -0.67 -39.51 -0.30
N ASP A 130 -0.86 -40.59 -1.06
CA ASP A 130 -0.30 -40.71 -2.40
C ASP A 130 -0.83 -39.67 -3.37
N ASP A 131 -2.10 -39.30 -3.20
CA ASP A 131 -2.76 -38.32 -4.04
C ASP A 131 -2.80 -36.94 -3.39
N ALA A 132 -1.85 -36.68 -2.50
CA ALA A 132 -1.75 -35.39 -1.84
C ALA A 132 -1.51 -34.37 -2.91
N LYS A 133 -2.17 -33.23 -2.79
CA LYS A 133 -2.07 -32.21 -3.81
C LYS A 133 -1.50 -30.94 -3.22
N PHE A 134 -0.32 -30.57 -3.73
CA PHE A 134 0.44 -29.42 -3.27
C PHE A 134 -0.14 -28.11 -3.77
N ASN A 135 -0.10 -27.08 -2.94
CA ASN A 135 -0.20 -25.73 -3.48
C ASN A 135 1.21 -25.34 -3.97
N SER A 136 1.40 -24.09 -4.36
CA SER A 136 2.73 -23.65 -4.77
C SER A 136 3.32 -22.72 -3.72
N GLY A 137 2.90 -22.92 -2.48
CA GLY A 137 3.22 -21.99 -1.39
C GLY A 137 2.38 -20.73 -1.54
N HIS A 138 2.21 -19.99 -0.45
CA HIS A 138 1.46 -18.74 -0.53
C HIS A 138 2.09 -17.59 0.26
N ALA A 139 1.50 -16.41 0.13
CA ALA A 139 2.10 -15.16 0.61
C ALA A 139 2.36 -15.14 2.11
N GLY A 140 1.38 -15.55 2.90
CA GLY A 140 1.52 -15.39 4.34
C GLY A 140 2.35 -16.49 5.01
N ASN A 141 2.85 -16.19 6.20
CA ASN A 141 3.26 -17.22 7.13
C ASN A 141 2.03 -17.96 7.61
N GLU A 142 2.17 -19.22 8.01
CA GLU A 142 1.03 -19.99 8.46
C GLU A 142 1.24 -20.83 9.73
N PHE A 143 0.37 -20.61 10.71
CA PHE A 143 0.30 -21.48 11.89
C PHE A 143 -0.82 -22.52 11.72
N LEU A 144 -0.53 -23.76 12.12
CA LEU A 144 -1.49 -24.84 11.95
C LEU A 144 -1.55 -25.72 13.17
N PHE A 145 -2.75 -26.27 13.40
CA PHE A 145 -3.03 -27.07 14.57
C PHE A 145 -3.95 -28.23 14.17
N VAL A 146 -3.61 -29.46 14.56
CA VAL A 146 -4.47 -30.61 14.25
C VAL A 146 -5.63 -30.67 15.24
N LEU A 147 -6.80 -30.31 14.73
CA LEU A 147 -8.00 -30.10 15.52
C LEU A 147 -8.72 -31.41 15.77
N GLU A 148 -8.83 -32.22 14.72
CA GLU A 148 -9.43 -33.53 14.81
C GLU A 148 -8.71 -34.50 13.89
N GLY A 149 -8.62 -35.75 14.34
CA GLY A 149 -8.05 -36.83 13.56
C GLY A 149 -6.54 -36.83 13.58
N GLU A 150 -5.96 -37.35 12.50
CA GLU A 150 -4.51 -37.39 12.34
C GLU A 150 -4.20 -36.97 10.92
N ILE A 151 -3.15 -36.18 10.78
CA ILE A 151 -2.81 -35.55 9.51
C ILE A 151 -1.49 -36.07 8.93
N HIS A 152 -1.48 -36.24 7.61
CA HIS A 152 -0.26 -36.58 6.89
C HIS A 152 0.13 -35.36 6.07
N MET A 153 1.18 -34.67 6.52
CA MET A 153 1.60 -33.42 5.91
C MET A 153 2.81 -33.65 5.03
N LYS A 154 2.85 -32.98 3.89
CA LYS A 154 4.03 -32.98 3.02
C LYS A 154 4.42 -31.55 2.72
N TRP A 155 5.71 -31.29 2.64
CA TRP A 155 6.19 -29.95 2.27
C TRP A 155 7.51 -29.95 1.51
N GLY A 156 7.82 -28.80 0.93
CA GLY A 156 9.04 -28.59 0.17
C GLY A 156 8.89 -28.97 -1.30
N ASP A 157 9.89 -29.66 -1.83
CA ASP A 157 9.91 -30.15 -3.20
C ASP A 157 8.92 -31.32 -3.38
N LYS A 158 7.87 -31.12 -4.17
CA LYS A 158 6.84 -32.18 -4.37
C LYS A 158 7.39 -33.49 -4.93
N GLU A 159 8.50 -33.40 -5.66
CA GLU A 159 9.20 -34.56 -6.21
C GLU A 159 9.76 -35.39 -5.08
N ASN A 160 10.34 -34.69 -4.11
CA ASN A 160 10.99 -35.32 -2.98
C ASN A 160 10.70 -34.56 -1.69
N PRO A 161 9.47 -34.67 -1.18
CA PRO A 161 9.05 -33.84 -0.05
C PRO A 161 9.57 -34.31 1.30
N LYS A 162 9.61 -33.38 2.25
CA LYS A 162 9.70 -33.71 3.66
C LYS A 162 8.28 -34.06 4.11
N GLU A 163 8.15 -34.81 5.19
CA GLU A 163 6.85 -35.34 5.59
C GLU A 163 6.67 -35.42 7.09
N ALA A 164 5.40 -35.41 7.54
CA ALA A 164 5.08 -35.57 8.96
C ALA A 164 3.69 -36.15 9.21
N LEU A 165 3.63 -37.18 10.05
CA LEU A 165 2.37 -37.68 10.60
C LEU A 165 2.07 -36.94 11.90
N LEU A 166 0.95 -36.25 11.93
CA LEU A 166 0.65 -35.37 13.03
C LEU A 166 -0.69 -35.74 13.64
N PRO A 167 -0.69 -36.16 14.90
CA PRO A 167 -1.92 -36.49 15.61
C PRO A 167 -2.63 -35.26 16.18
N THR A 168 -3.85 -35.47 16.65
CA THR A 168 -4.63 -34.44 17.33
C THR A 168 -3.82 -33.71 18.38
N GLY A 169 -3.77 -32.39 18.26
CA GLY A 169 -3.02 -31.55 19.19
C GLY A 169 -1.66 -31.10 18.68
N ALA A 170 -1.17 -31.72 17.60
CA ALA A 170 0.11 -31.31 17.02
C ALA A 170 -0.03 -29.89 16.45
N SER A 171 1.06 -29.14 16.45
CA SER A 171 1.04 -27.81 15.84
C SER A 171 2.23 -27.66 14.89
N MET A 172 2.02 -26.92 13.80
CA MET A 172 3.08 -26.68 12.83
C MET A 172 3.14 -25.23 12.35
N PHE A 173 4.30 -24.85 11.82
CA PHE A 173 4.48 -23.52 11.24
C PHE A 173 5.00 -23.71 9.83
N VAL A 174 4.37 -23.04 8.86
CA VAL A 174 4.85 -23.05 7.49
C VAL A 174 5.20 -21.62 7.05
N GLU A 175 6.49 -21.40 6.79
CA GLU A 175 7.00 -20.12 6.34
C GLU A 175 6.44 -19.78 4.96
N GLU A 176 6.39 -18.49 4.65
CA GLU A 176 5.78 -18.06 3.40
C GLU A 176 6.44 -18.69 2.19
N HIS A 177 5.66 -18.78 1.11
CA HIS A 177 6.06 -19.39 -0.17
C HIS A 177 6.52 -20.85 -0.12
N VAL A 178 6.61 -21.46 1.06
CA VAL A 178 6.91 -22.88 1.15
C VAL A 178 5.71 -23.72 0.73
N PRO A 179 5.89 -24.57 -0.30
CA PRO A 179 4.79 -25.41 -0.81
C PRO A 179 4.43 -26.50 0.18
N HIS A 180 3.14 -26.82 0.30
CA HIS A 180 2.70 -27.85 1.25
C HIS A 180 1.35 -28.49 0.90
N ALA A 181 1.18 -29.74 1.34
CA ALA A 181 -0.04 -30.51 1.11
C ALA A 181 -0.42 -31.27 2.37
N PHE A 182 -1.72 -31.49 2.55
CA PHE A 182 -2.22 -32.26 3.67
C PHE A 182 -3.24 -33.27 3.17
N THR A 183 -3.25 -34.46 3.76
CA THR A 183 -4.39 -35.36 3.71
C THR A 183 -4.55 -35.86 5.13
N ALA A 184 -5.62 -36.61 5.40
CA ALA A 184 -5.68 -37.36 6.65
C ALA A 184 -4.68 -38.52 6.53
N ALA A 185 -4.26 -39.04 7.69
CA ALA A 185 -3.39 -40.21 7.73
C ALA A 185 -4.02 -41.38 6.95
N LYS A 186 -3.18 -42.10 6.20
CA LYS A 186 -3.65 -43.19 5.33
C LYS A 186 -4.76 -44.03 5.95
N GLY A 187 -5.94 -43.99 5.34
CA GLY A 187 -7.07 -44.83 5.77
C GLY A 187 -7.95 -44.35 6.92
N THR A 188 -7.65 -43.18 7.48
CA THR A 188 -8.43 -42.65 8.62
C THR A 188 -9.62 -41.78 8.19
N GLY A 189 -9.88 -41.73 6.89
CA GLY A 189 -11.06 -41.04 6.37
C GLY A 189 -10.92 -39.52 6.31
N SER A 190 -11.04 -38.88 7.46
CA SER A 190 -10.97 -37.42 7.50
C SER A 190 -10.25 -36.87 8.74
N ALA A 191 -9.91 -35.58 8.66
CA ALA A 191 -9.20 -34.88 9.73
C ALA A 191 -9.58 -33.41 9.64
N LYS A 192 -9.19 -32.62 10.65
CA LYS A 192 -9.44 -31.17 10.66
C LYS A 192 -8.20 -30.37 11.06
N LEU A 193 -7.99 -29.25 10.37
CA LEU A 193 -6.93 -28.30 10.72
C LEU A 193 -7.55 -26.99 11.16
N ILE A 194 -6.94 -26.35 12.14
CA ILE A 194 -7.06 -24.91 12.20
C ILE A 194 -5.83 -24.39 11.48
N ALA A 195 -6.06 -23.54 10.49
CA ALA A 195 -4.97 -22.88 9.79
C ALA A 195 -5.10 -21.40 10.07
N VAL A 196 -3.98 -20.77 10.44
CA VAL A 196 -3.97 -19.32 10.64
C VAL A 196 -2.89 -18.70 9.78
N ASN A 197 -3.32 -18.08 8.68
CA ASN A 197 -2.42 -17.39 7.80
C ASN A 197 -2.30 -15.98 8.34
N PHE A 198 -1.08 -15.48 8.44
CA PHE A 198 -0.86 -14.15 9.00
C PHE A 198 0.28 -13.43 8.31
N LYS B 5 3.26 -3.57 -13.96
CA LYS B 5 3.54 -2.10 -14.16
C LYS B 5 2.28 -1.26 -14.38
N THR B 6 1.55 -1.50 -15.47
CA THR B 6 0.29 -0.78 -15.73
C THR B 6 -0.70 -1.08 -14.62
N ALA B 7 -1.51 -0.08 -14.28
CA ALA B 7 -2.49 -0.19 -13.20
C ALA B 7 -3.32 -1.47 -13.29
N SER B 8 -3.81 -1.77 -14.50
CA SER B 8 -4.72 -2.89 -14.70
C SER B 8 -4.07 -4.27 -14.70
N THR B 9 -2.78 -4.34 -15.04
CA THR B 9 -2.03 -5.61 -14.95
C THR B 9 -1.59 -5.89 -13.50
N GLY B 10 -1.16 -4.85 -12.80
CA GLY B 10 -0.88 -5.00 -11.38
C GLY B 10 -2.12 -5.42 -10.62
N PHE B 11 -3.21 -4.67 -10.82
CA PHE B 11 -4.47 -4.97 -10.17
C PHE B 11 -4.96 -6.39 -10.48
N ALA B 12 -4.94 -6.78 -11.74
CA ALA B 12 -5.39 -8.13 -12.13
C ALA B 12 -4.70 -9.19 -11.30
N GLU B 13 -3.37 -9.08 -11.16
CA GLU B 13 -2.58 -10.09 -10.48
C GLU B 13 -2.82 -10.06 -8.98
N LEU B 14 -2.86 -8.86 -8.41
CA LEU B 14 -3.03 -8.70 -6.96
C LEU B 14 -4.42 -9.12 -6.53
N LEU B 15 -5.42 -8.83 -7.36
CA LEU B 15 -6.80 -9.19 -7.10
C LEU B 15 -6.97 -10.71 -7.00
N LYS B 16 -6.40 -11.42 -7.96
CA LYS B 16 -6.42 -12.88 -7.98
C LYS B 16 -5.76 -13.46 -6.73
N ASP B 17 -4.59 -12.92 -6.36
CA ASP B 17 -3.89 -13.34 -5.13
C ASP B 17 -4.75 -13.14 -3.89
N ARG B 18 -5.27 -11.93 -3.71
CA ARG B 18 -6.12 -11.62 -2.56
C ARG B 18 -7.36 -12.52 -2.51
N ARG B 19 -8.09 -12.61 -3.62
CA ARG B 19 -9.28 -13.46 -3.70
C ARG B 19 -8.96 -14.89 -3.27
N GLU B 20 -7.88 -15.43 -3.82
CA GLU B 20 -7.40 -16.77 -3.47
C GLU B 20 -6.95 -16.86 -2.01
N GLN B 21 -6.29 -15.81 -1.55
CA GLN B 21 -5.83 -15.73 -0.17
C GLN B 21 -6.97 -15.86 0.84
N VAL B 22 -8.15 -15.34 0.51
CA VAL B 22 -9.31 -15.46 1.40
C VAL B 22 -10.28 -16.57 0.97
N LYS B 23 -9.82 -17.43 0.06
CA LYS B 23 -10.54 -18.66 -0.35
C LYS B 23 -11.78 -18.47 -1.24
N MET B 24 -12.00 -17.27 -1.76
CA MET B 24 -13.15 -17.01 -2.62
C MET B 24 -12.93 -17.49 -4.06
N ASP B 25 -13.96 -18.09 -4.65
CA ASP B 25 -13.96 -18.29 -6.10
C ASP B 25 -14.61 -17.06 -6.76
N HIS B 26 -14.55 -16.99 -8.10
CA HIS B 26 -15.07 -15.83 -8.82
C HIS B 26 -16.52 -15.56 -8.47
N ALA B 27 -17.30 -16.64 -8.36
CA ALA B 27 -18.71 -16.54 -8.00
C ALA B 27 -18.91 -15.82 -6.67
N ALA B 28 -18.18 -16.25 -5.64
CA ALA B 28 -18.31 -15.68 -4.29
C ALA B 28 -17.97 -14.20 -4.29
N LEU B 29 -16.80 -13.87 -4.83
CA LEU B 29 -16.40 -12.48 -4.91
C LEU B 29 -17.43 -11.65 -5.71
N ALA B 30 -17.91 -12.21 -6.82
CA ALA B 30 -18.86 -11.54 -7.68
C ALA B 30 -20.15 -11.22 -6.95
N SER B 31 -20.63 -12.16 -6.12
CA SER B 31 -21.86 -11.98 -5.34
C SER B 31 -21.84 -10.72 -4.49
N LEU B 32 -20.64 -10.32 -4.07
CA LEU B 32 -20.44 -9.23 -3.12
C LEU B 32 -20.34 -7.86 -3.77
N LEU B 33 -20.46 -7.82 -5.09
CA LEU B 33 -20.06 -6.61 -5.83
C LEU B 33 -21.04 -6.15 -6.90
N GLY B 34 -22.12 -6.89 -7.11
CA GLY B 34 -23.06 -6.56 -8.19
C GLY B 34 -22.49 -6.80 -9.58
N GLU B 35 -21.71 -7.88 -9.71
CA GLU B 35 -21.18 -8.31 -11.00
C GLU B 35 -21.38 -9.81 -11.17
N THR B 36 -21.09 -10.30 -12.37
CA THR B 36 -21.10 -11.74 -12.67
C THR B 36 -19.71 -12.33 -12.40
N PRO B 37 -19.62 -13.65 -12.21
CA PRO B 37 -18.31 -14.31 -12.11
C PRO B 37 -17.43 -14.04 -13.34
N GLU B 38 -18.06 -13.96 -14.51
CA GLU B 38 -17.33 -13.77 -15.76
C GLU B 38 -16.66 -12.38 -15.76
N THR B 39 -17.31 -11.38 -15.16
CA THR B 39 -16.77 -10.01 -15.05
C THR B 39 -15.55 -9.89 -14.13
N VAL B 40 -15.61 -10.56 -12.98
CA VAL B 40 -14.52 -10.63 -12.03
C VAL B 40 -13.33 -11.34 -12.67
N ALA B 41 -13.62 -12.38 -13.45
CA ALA B 41 -12.61 -13.10 -14.22
C ALA B 41 -11.92 -12.18 -15.22
N ALA B 42 -12.67 -11.22 -15.75
CA ALA B 42 -12.15 -10.30 -16.72
C ALA B 42 -11.19 -9.30 -16.06
N TRP B 43 -11.59 -8.76 -14.91
CA TRP B 43 -10.70 -7.89 -14.13
C TRP B 43 -9.36 -8.58 -13.95
N GLU B 44 -9.43 -9.86 -13.59
CA GLU B 44 -8.26 -10.71 -13.38
C GLU B 44 -7.55 -11.05 -14.71
N ASN B 45 -8.12 -10.61 -15.82
CA ASN B 45 -7.47 -10.75 -17.11
C ASN B 45 -7.01 -9.38 -17.64
N GLY B 46 -6.92 -8.41 -16.75
CA GLY B 46 -6.47 -7.07 -17.09
C GLY B 46 -7.55 -6.12 -17.59
N GLU B 47 -8.81 -6.52 -17.47
CA GLU B 47 -9.90 -5.67 -17.97
C GLU B 47 -10.56 -4.78 -16.91
N GLY B 48 -9.83 -4.50 -15.83
CA GLY B 48 -10.32 -3.64 -14.75
C GLY B 48 -9.97 -2.16 -14.90
N GLY B 49 -9.41 -1.81 -16.05
CA GLY B 49 -8.91 -0.46 -16.32
C GLY B 49 -9.89 0.68 -16.10
N GLU B 50 -11.19 0.40 -16.24
CA GLU B 50 -12.24 1.43 -16.14
C GLU B 50 -12.91 1.51 -14.76
N LEU B 51 -12.52 0.62 -13.84
CA LEU B 51 -13.09 0.61 -12.49
C LEU B 51 -12.82 1.95 -11.84
N THR B 52 -13.82 2.47 -11.14
CA THR B 52 -13.68 3.78 -10.50
C THR B 52 -13.06 3.65 -9.13
N LEU B 53 -12.61 4.78 -8.59
CA LEU B 53 -12.03 4.85 -7.26
C LEU B 53 -12.99 4.26 -6.25
N THR B 54 -14.26 4.68 -6.36
CA THR B 54 -15.34 4.21 -5.51
C THR B 54 -15.52 2.69 -5.62
N GLN B 55 -15.60 2.17 -6.84
CA GLN B 55 -15.69 0.73 -7.04
C GLN B 55 -14.48 -0.01 -6.45
N LEU B 56 -13.29 0.58 -6.60
CA LEU B 56 -12.06 -0.02 -6.05
C LEU B 56 -12.12 -0.08 -4.53
N GLY B 57 -12.71 0.97 -3.93
CA GLY B 57 -12.92 1.03 -2.48
C GLY B 57 -13.82 -0.10 -2.04
N ARG B 58 -14.83 -0.39 -2.85
CA ARG B 58 -15.73 -1.50 -2.56
C ARG B 58 -15.08 -2.86 -2.71
N ILE B 59 -14.37 -3.09 -3.81
CA ILE B 59 -13.60 -4.33 -3.97
C ILE B 59 -12.66 -4.57 -2.77
N ALA B 60 -11.95 -3.52 -2.37
CA ALA B 60 -11.03 -3.60 -1.25
C ALA B 60 -11.77 -3.88 0.05
N HIS B 61 -12.98 -3.32 0.19
CA HIS B 61 -13.78 -3.57 1.38
C HIS B 61 -14.18 -5.02 1.50
N VAL B 62 -14.77 -5.57 0.44
CA VAL B 62 -15.29 -6.93 0.52
C VAL B 62 -14.17 -7.98 0.71
N LEU B 63 -12.96 -7.63 0.30
CA LEU B 63 -11.79 -8.51 0.46
C LEU B 63 -11.00 -8.13 1.70
N GLY B 64 -11.65 -7.35 2.57
CA GLY B 64 -11.09 -6.98 3.87
C GLY B 64 -9.71 -6.39 3.84
N THR B 65 -9.41 -5.58 2.83
CA THR B 65 -8.07 -4.99 2.68
C THR B 65 -8.14 -3.54 2.09
N SER B 66 -6.99 -2.98 1.70
CA SER B 66 -6.96 -1.63 1.13
C SER B 66 -6.69 -1.64 -0.39
N ILE B 67 -7.10 -0.58 -1.08
CA ILE B 67 -6.73 -0.37 -2.48
C ILE B 67 -5.22 -0.54 -2.71
N GLY B 68 -4.43 -0.05 -1.75
CA GLY B 68 -2.98 -0.22 -1.75
C GLY B 68 -2.60 -1.66 -2.03
N ALA B 69 -3.12 -2.58 -1.23
CA ALA B 69 -2.79 -3.99 -1.33
C ALA B 69 -3.22 -4.66 -2.65
N LEU B 70 -4.12 -4.00 -3.39
CA LEU B 70 -4.57 -4.49 -4.68
C LEU B 70 -3.98 -3.79 -5.92
N THR B 71 -3.13 -2.77 -5.73
CA THR B 71 -2.48 -2.07 -6.87
C THR B 71 -0.96 -2.16 -6.80
N PRO B 72 -0.28 -2.08 -7.95
CA PRO B 72 1.18 -2.24 -8.01
C PRO B 72 1.96 -1.12 -7.30
N PRO B 73 3.22 -1.36 -6.98
CA PRO B 73 4.10 -0.31 -6.47
C PRO B 73 4.30 0.80 -7.53
N ALA B 74 5.02 1.85 -7.17
CA ALA B 74 5.19 2.99 -8.08
C ALA B 74 5.88 2.60 -9.40
N GLY B 75 6.78 1.62 -9.34
CA GLY B 75 7.48 1.14 -10.53
C GLY B 75 8.98 1.35 -10.50
N ASN B 76 9.65 0.97 -11.59
CA ASN B 76 11.12 1.03 -11.64
C ASN B 76 11.62 1.94 -12.77
N ASP B 77 12.15 3.11 -12.42
CA ASP B 77 12.68 4.05 -13.41
C ASP B 77 14.21 4.08 -13.40
N LEU B 78 14.81 3.02 -12.91
CA LEU B 78 16.24 2.99 -12.70
C LEU B 78 16.92 2.22 -13.81
N ASP B 79 18.01 2.79 -14.29
CA ASP B 79 18.92 2.10 -15.18
C ASP B 79 19.91 1.37 -14.28
N ASP B 80 19.78 0.05 -14.20
CA ASP B 80 20.59 -0.78 -13.30
C ASP B 80 20.92 -0.10 -11.95
N GLY B 81 19.88 0.30 -11.22
CA GLY B 81 20.04 0.87 -9.89
C GLY B 81 20.15 2.38 -9.80
N VAL B 82 20.35 3.04 -10.95
CA VAL B 82 20.62 4.49 -10.97
C VAL B 82 19.62 5.28 -11.82
N ILE B 83 19.27 6.47 -11.31
CA ILE B 83 18.65 7.49 -12.13
C ILE B 83 19.47 8.77 -11.98
N ILE B 84 19.62 9.51 -13.07
CA ILE B 84 20.41 10.74 -13.11
C ILE B 84 19.54 11.88 -13.60
N GLN B 85 19.74 13.07 -13.04
CA GLN B 85 19.10 14.26 -13.55
C GLN B 85 20.11 15.38 -13.84
N MET B 86 20.06 15.89 -15.06
CA MET B 86 20.99 16.92 -15.52
C MET B 86 20.49 18.26 -15.05
N PRO B 87 21.39 19.20 -14.85
CA PRO B 87 21.05 20.49 -14.24
C PRO B 87 19.78 21.09 -14.80
N ASP B 88 19.68 21.18 -16.13
CA ASP B 88 18.53 21.85 -16.74
C ASP B 88 17.42 20.91 -17.22
N GLU B 89 17.19 19.85 -16.45
CA GLU B 89 16.00 19.01 -16.60
C GLU B 89 14.95 19.42 -15.56
N ARG B 90 15.39 20.14 -14.53
CA ARG B 90 14.55 20.55 -13.38
C ARG B 90 13.44 21.54 -13.73
N PRO B 91 12.33 21.52 -12.98
CA PRO B 91 11.34 22.59 -13.01
C PRO B 91 11.52 23.64 -11.89
N ILE B 92 11.15 24.88 -12.18
CA ILE B 92 11.14 25.98 -11.20
C ILE B 92 9.71 26.29 -10.73
N LEU B 93 9.48 26.24 -9.41
CA LEU B 93 8.14 26.39 -8.83
C LEU B 93 8.08 27.47 -7.74
N LYS B 94 6.88 27.99 -7.48
CA LYS B 94 6.70 29.16 -6.59
C LYS B 94 6.51 28.87 -5.09
N GLY B 95 6.26 29.93 -4.33
CA GLY B 95 6.20 29.91 -2.85
C GLY B 95 5.33 28.84 -2.20
N VAL B 96 4.08 29.18 -1.84
CA VAL B 96 3.50 30.51 -1.98
C VAL B 96 3.84 31.39 -0.76
N TYR B 102 8.86 34.17 0.44
CA TYR B 102 8.52 33.15 -0.55
C TYR B 102 9.76 32.33 -0.93
N TYR B 103 9.53 31.10 -1.37
CA TYR B 103 10.59 30.20 -1.80
C TYR B 103 10.54 30.00 -3.32
N VAL B 104 11.68 29.65 -3.91
CA VAL B 104 11.73 29.21 -5.30
C VAL B 104 12.40 27.84 -5.35
N TYR B 105 11.68 26.86 -5.89
CA TYR B 105 12.09 25.45 -5.84
C TYR B 105 12.79 24.95 -7.08
N ASN B 106 13.90 24.26 -6.83
CA ASN B 106 14.69 23.68 -7.88
C ASN B 106 14.69 22.19 -7.65
N CYS B 107 13.68 21.51 -8.20
CA CYS B 107 13.43 20.09 -7.93
C CYS B 107 14.49 19.17 -8.52
N LEU B 108 15.16 18.40 -7.65
CA LEU B 108 16.22 17.51 -8.09
C LEU B 108 15.69 16.10 -8.37
N VAL B 109 16.59 15.15 -8.59
CA VAL B 109 16.19 13.83 -9.11
C VAL B 109 15.31 13.08 -8.13
N ARG B 110 14.18 12.59 -8.62
CA ARG B 110 13.32 11.69 -7.87
C ARG B 110 13.28 10.33 -8.57
N THR B 111 12.74 9.33 -7.86
CA THR B 111 12.65 7.98 -8.38
C THR B 111 11.47 7.24 -7.75
N LYS B 112 10.78 6.46 -8.56
CA LYS B 112 9.64 5.66 -8.11
C LYS B 112 10.07 4.51 -7.19
N ARG B 113 11.35 4.16 -7.20
CA ARG B 113 11.88 3.13 -6.28
C ARG B 113 12.08 3.65 -4.86
N ALA B 114 11.85 4.95 -4.68
CA ALA B 114 11.89 5.59 -3.36
C ALA B 114 11.04 6.87 -3.42
N PRO B 115 9.72 6.72 -3.47
CA PRO B 115 8.83 7.89 -3.65
C PRO B 115 9.01 9.00 -2.61
N SER B 116 9.50 8.65 -1.43
CA SER B 116 9.76 9.60 -0.34
C SER B 116 10.82 10.62 -0.69
N LEU B 117 11.85 10.18 -1.44
CA LEU B 117 12.94 11.06 -1.84
C LEU B 117 12.40 12.25 -2.63
N VAL B 118 12.43 13.42 -1.99
CA VAL B 118 12.11 14.69 -2.63
C VAL B 118 13.22 15.68 -2.29
N PRO B 119 14.30 15.68 -3.09
CA PRO B 119 15.39 16.62 -2.91
C PRO B 119 15.15 17.90 -3.70
N LEU B 120 15.43 19.04 -3.06
CA LEU B 120 15.24 20.35 -3.67
C LEU B 120 16.46 21.24 -3.46
N VAL B 121 16.70 22.14 -4.41
CA VAL B 121 17.49 23.33 -4.09
C VAL B 121 16.48 24.45 -3.88
N VAL B 122 16.59 25.16 -2.77
CA VAL B 122 15.64 26.23 -2.47
C VAL B 122 16.35 27.56 -2.37
N ASP B 123 15.82 28.56 -3.07
CA ASP B 123 16.24 29.95 -2.87
C ASP B 123 15.25 30.60 -1.93
N VAL B 124 15.79 31.20 -0.88
CA VAL B 124 14.96 31.80 0.15
C VAL B 124 14.95 33.32 -0.07
N LEU B 125 13.81 33.81 -0.54
CA LEU B 125 13.71 35.16 -1.10
C LEU B 125 13.60 36.26 -0.04
N THR B 126 13.17 35.89 1.17
CA THR B 126 12.92 36.83 2.26
C THR B 126 14.05 36.81 3.28
N ASP B 127 14.35 37.97 3.85
CA ASP B 127 15.29 38.05 4.97
C ASP B 127 14.69 38.77 6.19
N ASN B 128 13.38 38.65 6.35
CA ASN B 128 12.65 39.23 7.47
C ASN B 128 11.99 38.11 8.31
N PRO B 129 12.71 37.58 9.30
CA PRO B 129 12.23 36.45 10.11
C PRO B 129 10.78 36.57 10.57
N ASP B 130 10.28 37.79 10.70
CA ASP B 130 8.86 38.03 11.03
C ASP B 130 7.90 37.49 9.96
N ASP B 131 8.38 37.42 8.71
CA ASP B 131 7.55 36.96 7.59
C ASP B 131 7.60 35.45 7.37
N ALA B 132 8.34 34.73 8.22
CA ALA B 132 8.44 33.28 8.10
C ALA B 132 7.07 32.60 8.02
N LYS B 133 6.82 31.91 6.91
CA LYS B 133 5.59 31.14 6.74
C LYS B 133 5.83 29.67 7.12
N PHE B 134 5.29 29.28 8.26
CA PHE B 134 5.37 27.91 8.76
C PHE B 134 4.58 26.95 7.89
N ASN B 135 5.10 25.75 7.70
CA ASN B 135 4.26 24.65 7.23
C ASN B 135 3.90 23.74 8.41
N SER B 136 2.77 23.05 8.30
CA SER B 136 2.27 22.23 9.38
C SER B 136 3.08 20.94 9.60
N GLY B 137 4.29 20.90 9.05
CA GLY B 137 5.15 19.73 9.13
C GLY B 137 4.71 18.72 8.09
N HIS B 138 5.66 18.00 7.52
CA HIS B 138 5.30 17.09 6.42
C HIS B 138 5.66 15.63 6.66
N ALA B 139 5.36 14.79 5.68
CA ALA B 139 5.30 13.33 5.83
C ALA B 139 6.63 12.59 6.07
N GLY B 140 7.71 13.07 5.47
CA GLY B 140 9.00 12.41 5.65
C GLY B 140 9.94 13.13 6.60
N ASN B 141 11.09 12.53 6.87
CA ASN B 141 12.17 13.21 7.54
C ASN B 141 12.84 14.17 6.57
N GLU B 142 13.68 15.08 7.07
CA GLU B 142 14.29 16.05 6.19
C GLU B 142 15.69 16.51 6.54
N PHE B 143 16.66 16.21 5.67
CA PHE B 143 18.01 16.75 5.79
C PHE B 143 18.14 18.09 5.05
N LEU B 144 18.77 19.07 5.69
CA LEU B 144 19.01 20.39 5.08
C LEU B 144 20.44 20.86 5.27
N PHE B 145 20.92 21.64 4.31
CA PHE B 145 22.31 22.08 4.25
C PHE B 145 22.29 23.47 3.66
N VAL B 146 22.86 24.43 4.40
CA VAL B 146 22.91 25.82 3.93
C VAL B 146 24.01 25.95 2.88
N LEU B 147 23.59 26.27 1.66
CA LEU B 147 24.47 26.36 0.50
C LEU B 147 25.18 27.70 0.38
N GLU B 148 24.42 28.77 0.54
CA GLU B 148 24.90 30.14 0.46
C GLU B 148 24.21 30.98 1.52
N GLY B 149 24.97 31.90 2.13
CA GLY B 149 24.38 32.87 3.06
C GLY B 149 24.03 32.32 4.42
N GLU B 150 23.08 32.99 5.07
CA GLU B 150 22.67 32.65 6.42
C GLU B 150 21.18 32.37 6.47
N ILE B 151 20.79 31.34 7.22
CA ILE B 151 19.39 30.99 7.37
C ILE B 151 18.94 31.23 8.81
N HIS B 152 17.81 31.91 8.94
CA HIS B 152 17.14 32.01 10.22
C HIS B 152 16.06 30.97 10.19
N MET B 153 16.24 29.93 10.98
CA MET B 153 15.25 28.86 11.01
C MET B 153 14.33 28.91 12.25
N LYS B 154 13.05 28.63 12.02
CA LYS B 154 12.09 28.47 13.08
C LYS B 154 11.45 27.09 12.98
N TRP B 155 11.09 26.51 14.13
CA TRP B 155 10.44 25.18 14.16
C TRP B 155 9.62 24.91 15.41
N GLY B 156 8.82 23.86 15.36
CA GLY B 156 7.93 23.49 16.47
C GLY B 156 6.63 24.25 16.43
N ASP B 157 6.21 24.74 17.59
CA ASP B 157 4.97 25.52 17.69
C ASP B 157 5.17 26.91 17.08
N LYS B 158 4.31 27.29 16.14
CA LYS B 158 4.44 28.61 15.51
C LYS B 158 4.06 29.76 16.45
N GLU B 159 3.28 29.47 17.49
CA GLU B 159 2.98 30.41 18.58
C GLU B 159 4.25 30.79 19.35
N ASN B 160 4.91 29.77 19.89
CA ASN B 160 6.14 29.91 20.67
C ASN B 160 7.24 29.03 20.04
N PRO B 161 7.86 29.51 18.94
CA PRO B 161 8.78 28.69 18.16
C PRO B 161 10.16 28.59 18.78
N LYS B 162 10.93 27.61 18.34
CA LYS B 162 12.35 27.54 18.65
C LYS B 162 13.05 28.02 17.39
N GLU B 163 14.18 28.69 17.56
CA GLU B 163 14.81 29.37 16.45
C GLU B 163 16.30 29.09 16.45
N ALA B 164 16.92 29.18 15.27
CA ALA B 164 18.37 29.02 15.18
C ALA B 164 18.92 29.83 14.00
N LEU B 165 20.14 30.32 14.17
CA LEU B 165 20.85 31.04 13.11
C LEU B 165 21.86 30.10 12.49
N LEU B 166 21.75 29.89 11.18
CA LEU B 166 22.58 28.90 10.50
C LEU B 166 23.48 29.54 9.44
N PRO B 167 24.77 29.60 9.74
CA PRO B 167 25.77 30.07 8.78
C PRO B 167 25.91 29.11 7.61
N THR B 168 26.55 29.59 6.56
CA THR B 168 26.86 28.77 5.39
C THR B 168 27.53 27.46 5.80
N GLY B 169 26.99 26.36 5.26
CA GLY B 169 27.53 25.02 5.49
C GLY B 169 27.10 24.38 6.80
N ALA B 170 26.00 24.87 7.37
CA ALA B 170 25.41 24.21 8.52
C ALA B 170 24.51 23.12 7.98
N SER B 171 24.45 21.98 8.66
CA SER B 171 23.51 20.95 8.26
C SER B 171 22.52 20.72 9.39
N MET B 172 21.29 20.39 9.01
CA MET B 172 20.23 20.22 10.00
C MET B 172 19.24 19.11 9.63
N PHE B 173 18.67 18.47 10.63
CA PHE B 173 17.68 17.42 10.43
C PHE B 173 16.35 17.81 11.04
N VAL B 174 15.28 17.62 10.28
CA VAL B 174 13.93 17.91 10.75
C VAL B 174 13.11 16.62 10.72
N GLU B 175 12.71 16.15 11.90
CA GLU B 175 11.86 14.97 11.99
C GLU B 175 10.53 15.20 11.29
N GLU B 176 9.91 14.11 10.84
CA GLU B 176 8.59 14.15 10.22
C GLU B 176 7.54 14.84 11.10
N HIS B 177 6.62 15.55 10.45
CA HIS B 177 5.48 16.21 11.09
C HIS B 177 5.86 17.40 12.01
N VAL B 178 7.15 17.71 12.13
CA VAL B 178 7.57 18.88 12.89
C VAL B 178 7.36 20.12 12.02
N PRO B 179 6.51 21.05 12.47
CA PRO B 179 6.28 22.29 11.71
C PRO B 179 7.55 23.11 11.72
N HIS B 180 7.85 23.75 10.59
CA HIS B 180 9.09 24.53 10.45
C HIS B 180 8.98 25.59 9.36
N ALA B 181 9.89 26.57 9.41
CA ALA B 181 9.90 27.70 8.49
C ALA B 181 11.32 28.24 8.32
N PHE B 182 11.63 28.70 7.11
CA PHE B 182 12.94 29.27 6.83
C PHE B 182 12.87 30.66 6.22
N THR B 183 13.91 31.43 6.50
CA THR B 183 14.05 32.80 6.02
C THR B 183 15.56 33.05 6.02
N ALA B 184 16.03 34.05 5.29
CA ALA B 184 17.43 34.44 5.41
C ALA B 184 17.57 35.28 6.68
N ALA B 185 18.79 35.32 7.23
CA ALA B 185 19.07 36.13 8.41
C ALA B 185 18.68 37.58 8.13
N LYS B 186 18.24 38.29 9.17
CA LYS B 186 17.72 39.64 9.03
C LYS B 186 18.63 40.56 8.22
N GLY B 187 18.05 41.16 7.18
CA GLY B 187 18.77 42.05 6.28
C GLY B 187 20.00 41.45 5.60
N THR B 188 19.99 40.13 5.33
CA THR B 188 21.08 39.53 4.55
C THR B 188 20.67 39.23 3.12
N GLY B 189 19.44 39.58 2.77
CA GLY B 189 18.93 39.47 1.40
C GLY B 189 18.29 38.13 1.07
N SER B 190 19.13 37.11 0.91
CA SER B 190 18.69 35.79 0.48
C SER B 190 19.74 34.72 0.74
N ALA B 191 19.25 33.49 0.93
CA ALA B 191 20.12 32.35 1.12
C ALA B 191 19.65 31.17 0.28
N LYS B 192 20.50 30.16 0.23
CA LYS B 192 20.22 28.97 -0.56
C LYS B 192 20.29 27.73 0.35
N LEU B 193 19.22 26.92 0.33
CA LEU B 193 19.19 25.65 1.03
C LEU B 193 19.21 24.50 0.02
N ILE B 194 19.89 23.42 0.36
CA ILE B 194 19.55 22.15 -0.28
C ILE B 194 18.78 21.28 0.73
N ALA B 195 17.61 20.82 0.32
CA ALA B 195 16.74 20.05 1.20
C ALA B 195 16.59 18.65 0.64
N VAL B 196 16.69 17.65 1.49
CA VAL B 196 16.45 16.27 1.08
C VAL B 196 15.37 15.64 1.97
N ASN B 197 14.14 15.61 1.47
CA ASN B 197 13.04 14.95 2.13
C ASN B 197 13.16 13.46 1.81
N PHE B 198 12.98 12.60 2.80
CA PHE B 198 13.24 11.18 2.61
C PHE B 198 12.41 10.26 3.53
#